data_8V7B
#
_entry.id   8V7B
#
_cell.length_a   98.848
_cell.length_b   98.848
_cell.length_c   82.048
_cell.angle_alpha   90.00
_cell.angle_beta   90.00
_cell.angle_gamma   120.00
#
_symmetry.space_group_name_H-M   'P 61'
#
loop_
_entity.id
_entity.type
_entity.pdbx_description
1 polymer 'DNA polymerase eta'
2 polymer "DNA (5'-D(*CP*AP*TP*GP*AP*TP*GP*AP*CP*GP*CP*T)-3')"
3 polymer "DNA (5'-D(*AP*GP*CP*GP*TP*CP*AP*T*())-3')"
4 non-polymer GLYCEROL
5 non-polymer 4-amino-1-{5-O-[(S)-hydroxy{[(R)-hydroxy(phosphonooxy)phosphoryl]oxy}phosphoryl]-beta-D-arabinofuranosyl}pyrimidin-2(1H)-one
6 non-polymer 'CALCIUM ION'
7 non-polymer 'POTASSIUM ION'
8 water water
#
loop_
_entity_poly.entity_id
_entity_poly.type
_entity_poly.pdbx_seq_one_letter_code
_entity_poly.pdbx_strand_id
1 'polypeptide(L)'
;GPHMATGQDRVVALVDMDCFFVQVEQRQNPHLRNKPCAVVQYKSWKGGGIIAVSYEARAFGVTRSMWADDAKKLCPDLLL
AQVRESRGKANLTKYREASVEVMEIMSRFAVIERASIDEAYVDLTSAVQERLQKLQGQPISADLLPSTYIEGLPQGPTTA
EETVQKEGMRKQGLFQWLDSLQIDNLTSPDLQLTVGAVIVEEMRAAIERETGFQCSAGISHNKVLAKLACGLNKPNRQTL
VSHGSVPQLFSQMPIRKIRSLGGKLGASVIEILGIEYMGELTQFTESQLQSHFGEKNGSWLYAMCRGIEHDPVKPRQLPK
TIGCSKNFPGKTALATREQVQWWLLQLAQELEERLTKDRNDNDRVATQLVVSIRVQGDKRLSSLRRCCALTRYDAHKMSH
DAFTVIKNCNTSGIQTEWSPPLTMLFLCATKFSAS
;
A
2 'polydeoxyribonucleotide' (DC)(DA)(DT)(DG)(DA)(DT)(DG)(DA)(DC)(DG)(DC)(DT) T
3 'polydeoxyribonucleotide' (DA)(DG)(DC)(DG)(DT)(DC)(DA)(DT) P
#
loop_
_chem_comp.id
_chem_comp.type
_chem_comp.name
_chem_comp.formula
CA non-polymer 'CALCIUM ION' 'Ca 2'
DA DNA linking 2'-DEOXYADENOSINE-5'-MONOPHOSPHATE 'C10 H14 N5 O6 P'
DC DNA linking 2'-DEOXYCYTIDINE-5'-MONOPHOSPHATE 'C9 H14 N3 O7 P'
DG DNA linking 2'-DEOXYGUANOSINE-5'-MONOPHOSPHATE 'C10 H14 N5 O7 P'
DT DNA linking THYMIDINE-5'-MONOPHOSPHATE 'C10 H15 N2 O8 P'
GOL non-polymer GLYCEROL 'C3 H8 O3'
HF4 non-polymer 4-amino-1-{5-O-[(S)-hydroxy{[(R)-hydroxy(phosphonooxy)phosphoryl]oxy}phosphoryl]-beta-D-arabinofuranosyl}pyrimidin-2(1H)-one 'C9 H16 N3 O14 P3'
K non-polymer 'POTASSIUM ION' 'K 1'
#
# COMPACT_ATOMS: atom_id res chain seq x y z
N GLY A 1 26.65 8.76 22.66
CA GLY A 1 26.08 8.85 24.01
C GLY A 1 24.93 9.83 24.17
N PRO A 2 25.19 10.95 24.86
CA PRO A 2 24.12 11.92 25.16
C PRO A 2 23.67 12.75 23.96
N HIS A 3 24.42 12.75 22.87
CA HIS A 3 24.08 13.50 21.66
C HIS A 3 23.68 12.60 20.51
N MET A 4 23.59 11.29 20.72
CA MET A 4 23.31 10.35 19.64
C MET A 4 21.79 10.18 19.54
N ALA A 5 21.21 10.68 18.45
CA ALA A 5 19.77 10.58 18.25
C ALA A 5 19.37 9.13 18.08
N THR A 6 18.22 8.78 18.64
CA THR A 6 17.73 7.41 18.62
C THR A 6 16.47 7.25 17.80
N GLY A 7 15.98 8.32 17.18
CA GLY A 7 14.84 8.20 16.30
C GLY A 7 13.60 7.73 17.03
N GLN A 8 13.38 8.28 18.23
CA GLN A 8 12.24 7.91 19.08
C GLN A 8 11.34 9.11 19.35
N ASP A 9 11.39 10.13 18.48
CA ASP A 9 10.65 11.38 18.64
C ASP A 9 9.18 11.30 18.21
N ARG A 10 8.79 10.36 17.36
CA ARG A 10 7.40 10.27 16.90
C ARG A 10 6.78 8.93 17.22
N VAL A 11 5.45 8.89 17.22
CA VAL A 11 4.73 7.63 17.17
C VAL A 11 4.03 7.57 15.83
N VAL A 12 4.34 6.54 15.03
CA VAL A 12 3.79 6.39 13.69
C VAL A 12 3.12 5.03 13.59
N ALA A 13 1.92 5.00 13.02
CA ALA A 13 1.22 3.74 12.78
C ALA A 13 0.94 3.60 11.30
N LEU A 14 0.94 2.37 10.84
CA LEU A 14 0.50 2.02 9.49
C LEU A 14 -0.68 1.08 9.61
N VAL A 15 -1.82 1.46 9.02
CA VAL A 15 -3.01 0.62 9.03
C VAL A 15 -3.18 0.07 7.63
N ASP A 16 -3.38 -1.25 7.52
CA ASP A 16 -3.51 -1.91 6.20
CA ASP A 16 -3.51 -1.91 6.23
C ASP A 16 -4.67 -2.89 6.26
N MET A 17 -5.62 -2.73 5.34
CA MET A 17 -6.80 -3.61 5.30
C MET A 17 -6.38 -5.04 4.91
N ASP A 18 -6.99 -6.04 5.54
CA ASP A 18 -6.72 -7.45 5.20
C ASP A 18 -7.46 -7.83 3.91
N CYS A 19 -6.80 -8.51 2.98
CA CYS A 19 -7.42 -8.96 1.69
C CYS A 19 -8.51 -7.95 1.27
N PHE A 20 -8.11 -6.71 1.07
CA PHE A 20 -9.10 -5.62 0.89
C PHE A 20 -10.17 -5.95 -0.14
N PHE A 21 -9.76 -6.13 -1.39
CA PHE A 21 -10.79 -6.35 -2.45
C PHE A 21 -11.69 -7.52 -2.05
N VAL A 22 -11.11 -8.58 -1.45
CA VAL A 22 -11.91 -9.73 -1.02
C VAL A 22 -12.93 -9.30 0.04
N GLN A 23 -12.48 -8.55 1.06
CA GLN A 23 -13.43 -8.11 2.09
C GLN A 23 -14.55 -7.25 1.50
N VAL A 24 -14.22 -6.39 0.53
CA VAL A 24 -15.27 -5.58 -0.11
C VAL A 24 -16.32 -6.50 -0.73
N GLU A 25 -15.86 -7.52 -1.47
CA GLU A 25 -16.82 -8.44 -2.10
C GLU A 25 -17.55 -9.30 -1.07
N GLN A 26 -16.90 -9.66 0.06
CA GLN A 26 -17.55 -10.51 1.05
C GLN A 26 -18.59 -9.73 1.86
N ARG A 27 -18.34 -8.44 2.09
CA ARG A 27 -19.37 -7.62 2.71
C ARG A 27 -20.60 -7.58 1.83
N GLN A 28 -20.39 -7.38 0.52
CA GLN A 28 -21.53 -7.29 -0.39
C GLN A 28 -22.26 -8.63 -0.51
N ASN A 29 -21.52 -9.74 -0.55
CA ASN A 29 -22.10 -11.06 -0.83
C ASN A 29 -21.80 -11.98 0.35
N PRO A 30 -22.73 -12.11 1.30
CA PRO A 30 -22.45 -12.93 2.49
C PRO A 30 -22.11 -14.39 2.21
N HIS A 31 -22.51 -14.94 1.06
CA HIS A 31 -22.14 -16.30 0.66
C HIS A 31 -20.63 -16.48 0.54
N LEU A 32 -19.87 -15.39 0.35
CA LEU A 32 -18.41 -15.47 0.25
C LEU A 32 -17.72 -15.42 1.62
N ARG A 33 -18.42 -15.06 2.70
CA ARG A 33 -17.75 -14.88 3.99
C ARG A 33 -17.25 -16.19 4.55
N ASN A 34 -16.05 -16.16 5.14
CA ASN A 34 -15.47 -17.32 5.82
C ASN A 34 -15.26 -18.49 4.88
N LYS A 35 -14.96 -18.21 3.61
CA LYS A 35 -14.74 -19.23 2.61
C LYS A 35 -13.44 -18.96 1.87
N PRO A 36 -12.81 -19.98 1.29
CA PRO A 36 -11.76 -19.73 0.30
C PRO A 36 -12.37 -19.00 -0.89
N CYS A 37 -11.91 -17.78 -1.11
CA CYS A 37 -12.43 -17.02 -2.22
CA CYS A 37 -12.49 -16.87 -2.08
C CYS A 37 -11.38 -16.03 -2.71
N ALA A 38 -11.60 -15.57 -3.93
CA ALA A 38 -10.65 -14.66 -4.55
C ALA A 38 -11.42 -13.71 -5.45
N VAL A 39 -10.74 -12.62 -5.81
CA VAL A 39 -11.27 -11.62 -6.73
C VAL A 39 -10.51 -11.78 -8.03
N VAL A 40 -11.24 -11.83 -9.13
CA VAL A 40 -10.68 -12.08 -10.45
C VAL A 40 -11.10 -10.97 -11.40
N GLN A 41 -10.23 -10.65 -12.36
CA GLN A 41 -10.64 -9.70 -13.39
C GLN A 41 -10.53 -10.35 -14.76
N TYR A 42 -11.50 -10.03 -15.60
CA TYR A 42 -11.67 -10.65 -16.91
C TYR A 42 -11.95 -12.14 -16.67
N LYS A 43 -12.31 -12.89 -17.70
CA LYS A 43 -12.81 -14.23 -17.42
C LYS A 43 -12.48 -15.15 -18.58
N SER A 44 -12.33 -14.55 -19.77
CA SER A 44 -12.23 -15.32 -21.01
C SER A 44 -10.90 -16.04 -21.11
N TRP A 45 -9.79 -15.34 -20.86
CA TRP A 45 -8.46 -15.93 -20.90
C TRP A 45 -8.20 -16.69 -19.59
N LYS A 46 -8.34 -18.02 -19.63
CA LYS A 46 -7.85 -18.91 -18.57
C LYS A 46 -8.60 -18.68 -17.25
N GLY A 47 -9.86 -18.24 -17.33
CA GLY A 47 -10.71 -18.04 -16.17
C GLY A 47 -10.62 -16.66 -15.53
N GLY A 48 -9.75 -15.80 -16.04
CA GLY A 48 -9.51 -14.51 -15.42
C GLY A 48 -8.24 -14.52 -14.58
N GLY A 49 -7.72 -13.32 -14.33
CA GLY A 49 -6.54 -13.17 -13.48
C GLY A 49 -6.97 -12.91 -12.05
N ILE A 50 -6.37 -13.64 -11.10
CA ILE A 50 -6.65 -13.43 -9.67
C ILE A 50 -5.89 -12.20 -9.20
N ILE A 51 -6.60 -11.25 -8.56
CA ILE A 51 -5.93 -10.06 -8.06
C ILE A 51 -5.98 -9.94 -6.53
N ALA A 52 -6.82 -10.71 -5.83
CA ALA A 52 -6.84 -10.70 -4.36
C ALA A 52 -7.34 -12.05 -3.84
N VAL A 53 -6.90 -12.45 -2.64
CA VAL A 53 -7.07 -13.82 -2.15
C VAL A 53 -7.39 -13.83 -0.66
N SER A 54 -8.46 -14.53 -0.28
CA SER A 54 -8.79 -14.60 1.14
C SER A 54 -7.80 -15.52 1.83
N TYR A 55 -7.67 -15.33 3.15
CA TYR A 55 -6.68 -16.11 3.91
C TYR A 55 -6.99 -17.61 3.86
N GLU A 56 -8.29 -17.96 3.83
CA GLU A 56 -8.67 -19.35 3.67
C GLU A 56 -8.17 -19.91 2.35
N ALA A 57 -8.25 -19.12 1.27
CA ALA A 57 -7.75 -19.60 -0.01
C ALA A 57 -6.22 -19.63 -0.05
N ARG A 58 -5.53 -18.69 0.61
CA ARG A 58 -4.06 -18.72 0.66
C ARG A 58 -3.54 -20.01 1.28
N ALA A 59 -4.29 -20.59 2.23
CA ALA A 59 -3.87 -21.87 2.81
C ALA A 59 -3.73 -22.97 1.77
N PHE A 60 -4.45 -22.89 0.64
CA PHE A 60 -4.33 -23.85 -0.45
C PHE A 60 -3.24 -23.51 -1.47
N GLY A 61 -2.57 -22.36 -1.33
CA GLY A 61 -1.56 -21.94 -2.28
C GLY A 61 -2.02 -20.97 -3.34
N VAL A 62 -3.26 -20.50 -3.29
CA VAL A 62 -3.73 -19.51 -4.24
C VAL A 62 -3.00 -18.20 -3.99
N THR A 63 -2.53 -17.57 -5.07
CA THR A 63 -1.85 -16.30 -4.96
C THR A 63 -2.35 -15.35 -6.03
N ARG A 64 -2.03 -14.08 -5.85
CA ARG A 64 -2.25 -13.09 -6.89
C ARG A 64 -1.44 -13.45 -8.15
N SER A 65 -1.96 -13.05 -9.31
CA SER A 65 -1.37 -13.21 -10.65
C SER A 65 -1.67 -14.58 -11.26
N MET A 66 -1.88 -15.58 -10.41
CA MET A 66 -2.46 -16.85 -10.81
C MET A 66 -3.63 -16.64 -11.76
N TRP A 67 -3.71 -17.46 -12.82
CA TRP A 67 -4.97 -17.57 -13.57
C TRP A 67 -5.99 -18.36 -12.73
N ALA A 68 -7.25 -17.94 -12.78
CA ALA A 68 -8.25 -18.63 -11.96
C ALA A 68 -8.38 -20.10 -12.35
N ASP A 69 -8.19 -20.45 -13.62
CA ASP A 69 -8.22 -21.88 -13.98
C ASP A 69 -7.15 -22.66 -13.24
N ASP A 70 -6.01 -22.03 -12.99
CA ASP A 70 -4.92 -22.70 -12.28
C ASP A 70 -5.15 -22.69 -10.78
N ALA A 71 -5.69 -21.58 -10.23
CA ALA A 71 -6.04 -21.55 -8.82
C ALA A 71 -7.07 -22.63 -8.49
N LYS A 72 -7.97 -22.92 -9.43
CA LYS A 72 -8.97 -23.95 -9.20
C LYS A 72 -8.35 -25.34 -9.12
N LYS A 73 -7.17 -25.56 -9.72
CA LYS A 73 -6.49 -26.85 -9.54
C LYS A 73 -5.95 -27.01 -8.12
N LEU A 74 -5.56 -25.93 -7.45
CA LEU A 74 -5.12 -26.01 -6.04
C LEU A 74 -6.30 -26.05 -5.09
N CYS A 75 -7.37 -25.34 -5.43
CA CYS A 75 -8.50 -25.12 -4.53
C CYS A 75 -9.79 -25.27 -5.35
N PRO A 76 -10.26 -26.50 -5.53
CA PRO A 76 -11.39 -26.73 -6.44
C PRO A 76 -12.69 -26.07 -5.99
N ASP A 77 -12.86 -25.83 -4.70
CA ASP A 77 -14.05 -25.14 -4.20
C ASP A 77 -13.83 -23.64 -4.07
N LEU A 78 -12.79 -23.09 -4.68
CA LEU A 78 -12.52 -21.65 -4.58
C LEU A 78 -13.72 -20.87 -5.08
N LEU A 79 -14.19 -19.90 -4.30
CA LEU A 79 -15.27 -19.03 -4.77
C LEU A 79 -14.66 -17.79 -5.41
N LEU A 80 -15.33 -17.24 -6.40
CA LEU A 80 -14.79 -16.09 -7.12
C LEU A 80 -15.77 -14.93 -7.18
N ALA A 81 -15.23 -13.73 -7.02
CA ALA A 81 -15.99 -12.51 -7.27
C ALA A 81 -15.28 -11.76 -8.39
N GLN A 82 -16.06 -11.30 -9.39
CA GLN A 82 -15.49 -10.64 -10.56
C GLN A 82 -15.47 -9.14 -10.42
N VAL A 83 -14.35 -8.53 -10.83
CA VAL A 83 -14.26 -7.09 -10.92
C VAL A 83 -15.25 -6.59 -11.95
N ARG A 84 -15.93 -5.49 -11.63
CA ARG A 84 -16.89 -4.91 -12.57
C ARG A 84 -16.19 -4.56 -13.88
N GLU A 85 -16.89 -4.74 -15.00
CA GLU A 85 -16.38 -4.30 -16.30
C GLU A 85 -17.32 -3.26 -16.88
N SER A 86 -16.76 -2.14 -17.32
CA SER A 86 -17.51 -1.07 -17.94
C SER A 86 -16.71 -0.52 -19.11
N ARG A 87 -17.41 -0.26 -20.23
CA ARG A 87 -16.77 0.22 -21.45
C ARG A 87 -15.60 -0.64 -21.87
N GLY A 88 -15.72 -1.95 -21.67
CA GLY A 88 -14.73 -2.89 -22.11
C GLY A 88 -13.51 -3.05 -21.24
N LYS A 89 -13.53 -2.51 -20.01
CA LYS A 89 -12.34 -2.56 -19.18
C LYS A 89 -12.73 -2.77 -17.73
N ALA A 90 -11.79 -3.31 -16.96
CA ALA A 90 -11.99 -3.46 -15.53
C ALA A 90 -12.22 -2.10 -14.91
N ASN A 91 -13.13 -2.06 -13.93
CA ASN A 91 -13.48 -0.80 -13.28
C ASN A 91 -13.38 -0.98 -11.77
N LEU A 92 -12.51 -0.21 -11.13
CA LEU A 92 -12.20 -0.41 -9.72
C LEU A 92 -12.99 0.52 -8.80
N THR A 93 -14.09 1.10 -9.28
CA THR A 93 -14.79 2.13 -8.51
C THR A 93 -15.24 1.62 -7.14
N LYS A 94 -15.74 0.38 -7.08
CA LYS A 94 -16.23 -0.17 -5.81
C LYS A 94 -15.14 -0.15 -4.73
N TYR A 95 -13.91 -0.48 -5.12
CA TYR A 95 -12.81 -0.53 -4.15
C TYR A 95 -12.33 0.86 -3.77
N ARG A 96 -12.30 1.80 -4.74
CA ARG A 96 -11.98 3.19 -4.39
C ARG A 96 -12.99 3.76 -3.38
N GLU A 97 -14.28 3.48 -3.58
CA GLU A 97 -15.29 4.02 -2.66
C GLU A 97 -15.19 3.37 -1.28
N ALA A 98 -14.95 2.05 -1.24
CA ALA A 98 -14.72 1.40 0.06
C ALA A 98 -13.50 1.98 0.76
N SER A 99 -12.46 2.27 0.00
CA SER A 99 -11.26 2.91 0.56
C SER A 99 -11.59 4.26 1.18
N VAL A 100 -12.41 5.06 0.50
CA VAL A 100 -12.80 6.35 1.08
C VAL A 100 -13.49 6.14 2.41
N GLU A 101 -14.35 5.12 2.50
CA GLU A 101 -15.03 4.84 3.79
C GLU A 101 -14.02 4.69 4.92
N VAL A 102 -12.99 3.87 4.67
CA VAL A 102 -11.98 3.63 5.70
C VAL A 102 -11.16 4.90 5.99
N MET A 103 -10.73 5.61 4.94
CA MET A 103 -9.86 6.75 5.15
C MET A 103 -10.58 7.84 5.93
N GLU A 104 -11.88 8.04 5.64
CA GLU A 104 -12.62 9.05 6.39
C GLU A 104 -12.73 8.69 7.86
N ILE A 105 -12.90 7.39 8.18
CA ILE A 105 -12.88 6.99 9.58
C ILE A 105 -11.51 7.27 10.24
N MET A 106 -10.42 6.84 9.60
CA MET A 106 -9.11 7.09 10.25
C MET A 106 -8.85 8.57 10.45
N SER A 107 -9.30 9.41 9.54
CA SER A 107 -9.08 10.84 9.67
C SER A 107 -9.73 11.45 10.89
N ARG A 108 -10.70 10.78 11.52
CA ARG A 108 -11.22 11.31 12.79
C ARG A 108 -10.19 11.26 13.90
N PHE A 109 -9.27 10.30 13.84
CA PHE A 109 -8.31 10.13 14.91
C PHE A 109 -7.04 10.94 14.71
N ALA A 110 -6.63 11.15 13.46
CA ALA A 110 -5.40 11.89 13.18
C ALA A 110 -5.34 12.17 11.69
N VAL A 111 -4.45 13.08 11.32
CA VAL A 111 -4.21 13.35 9.92
C VAL A 111 -3.48 12.17 9.31
N ILE A 112 -3.93 11.74 8.13
CA ILE A 112 -3.41 10.51 7.53
C ILE A 112 -2.62 10.86 6.28
N GLU A 113 -1.70 9.96 5.93
CA GLU A 113 -1.10 9.93 4.60
C GLU A 113 -1.67 8.72 3.88
N ARG A 114 -2.48 8.98 2.86
CA ARG A 114 -3.00 7.85 2.05
C ARG A 114 -1.86 7.28 1.21
N ALA A 115 -1.36 6.11 1.60
CA ALA A 115 -0.21 5.49 0.91
C ALA A 115 -0.69 4.68 -0.29
N SER A 116 -1.89 4.11 -0.17
CA SER A 116 -2.43 3.26 -1.26
C SER A 116 -3.95 3.13 -1.11
N ILE A 117 -4.57 2.36 -1.99
CA ILE A 117 -6.04 2.10 -1.90
C ILE A 117 -6.42 1.56 -0.52
N ASP A 118 -5.51 0.86 0.16
CA ASP A 118 -5.92 0.19 1.43
C ASP A 118 -4.92 0.40 2.58
N GLU A 119 -4.04 1.37 2.45
CA GLU A 119 -3.06 1.64 3.51
C GLU A 119 -2.96 3.13 3.83
N ALA A 120 -2.84 3.43 5.12
CA ALA A 120 -2.60 4.83 5.51
C ALA A 120 -1.66 4.89 6.69
N TYR A 121 -0.71 5.83 6.65
CA TYR A 121 0.12 6.14 7.80
C TYR A 121 -0.56 7.20 8.65
N VAL A 122 -0.28 7.16 9.95
CA VAL A 122 -0.85 8.02 10.96
C VAL A 122 0.30 8.50 11.83
N ASP A 123 0.47 9.82 12.01
CA ASP A 123 1.37 10.34 13.04
C ASP A 123 0.55 10.57 14.31
N LEU A 124 0.78 9.75 15.32
CA LEU A 124 -0.01 9.77 16.55
C LEU A 124 0.67 10.55 17.68
N THR A 125 1.80 11.22 17.41
CA THR A 125 2.57 11.83 18.49
C THR A 125 1.69 12.73 19.37
N SER A 126 0.92 13.62 18.74
CA SER A 126 0.12 14.57 19.50
C SER A 126 -1.02 13.88 20.24
N ALA A 127 -1.75 12.99 19.55
CA ALA A 127 -2.82 12.24 20.19
C ALA A 127 -2.31 11.45 21.40
N VAL A 128 -1.11 10.87 21.29
CA VAL A 128 -0.54 10.13 22.42
C VAL A 128 -0.25 11.05 23.58
N GLN A 129 0.33 12.21 23.30
CA GLN A 129 0.61 13.16 24.39
C GLN A 129 -0.68 13.54 25.11
N GLU A 130 -1.75 13.79 24.35
CA GLU A 130 -3.05 14.10 24.95
C GLU A 130 -3.55 12.94 25.81
N ARG A 131 -3.57 11.73 25.26
CA ARG A 131 -4.09 10.60 26.02
C ARG A 131 -3.28 10.36 27.29
N LEU A 132 -1.97 10.63 27.23
CA LEU A 132 -1.12 10.50 28.42
C LEU A 132 -1.53 11.50 29.48
N GLN A 133 -1.88 12.73 29.08
CA GLN A 133 -2.42 13.67 30.07
C GLN A 133 -3.73 13.16 30.65
N LYS A 134 -4.66 12.71 29.79
CA LYS A 134 -5.92 12.20 30.34
C LYS A 134 -5.67 11.06 31.32
N LEU A 135 -4.64 10.28 31.06
CA LEU A 135 -4.26 9.25 31.99
C LEU A 135 -3.90 9.94 33.31
N GLN A 136 -2.73 10.55 33.40
CA GLN A 136 -2.15 11.04 34.64
C GLN A 136 -1.52 9.86 35.38
N GLY A 137 -0.81 9.02 34.65
CA GLY A 137 0.06 8.05 35.29
C GLY A 137 -0.52 6.70 35.65
N GLN A 138 -1.83 6.46 35.48
CA GLN A 138 -2.42 5.14 35.76
C GLN A 138 -1.81 4.12 34.79
N PRO A 139 -1.58 2.89 35.20
CA PRO A 139 -1.04 1.89 34.27
C PRO A 139 -2.02 1.58 33.15
N ILE A 140 -1.48 1.00 32.09
CA ILE A 140 -2.27 0.57 30.95
C ILE A 140 -2.62 -0.90 31.13
N SER A 141 -3.90 -1.20 31.11
CA SER A 141 -4.38 -2.56 31.25
C SER A 141 -4.13 -3.35 29.97
N ALA A 142 -3.77 -4.63 30.11
CA ALA A 142 -3.72 -5.49 28.93
C ALA A 142 -5.08 -5.57 28.23
N ASP A 143 -6.15 -5.31 28.98
CA ASP A 143 -7.50 -5.29 28.44
C ASP A 143 -7.66 -4.22 27.38
N LEU A 144 -6.81 -3.19 27.39
CA LEU A 144 -6.86 -2.15 26.38
C LEU A 144 -6.09 -2.53 25.10
N LEU A 145 -5.39 -3.66 25.10
CA LEU A 145 -4.58 -4.08 23.96
C LEU A 145 -4.93 -5.51 23.55
N PRO A 146 -6.21 -5.78 23.25
CA PRO A 146 -6.67 -7.16 23.08
C PRO A 146 -6.16 -7.86 21.83
N SER A 147 -5.58 -7.14 20.86
CA SER A 147 -5.10 -7.79 19.65
C SER A 147 -3.68 -7.34 19.30
N THR A 148 -2.94 -6.91 20.30
CA THR A 148 -1.60 -6.33 20.13
C THR A 148 -0.51 -7.36 20.42
N TYR A 149 0.46 -7.46 19.52
CA TYR A 149 1.67 -8.25 19.70
C TYR A 149 2.82 -7.30 20.00
N ILE A 150 3.68 -7.68 20.94
CA ILE A 150 4.90 -6.93 21.22
C ILE A 150 6.06 -7.68 20.60
N GLU A 151 6.62 -7.17 19.52
CA GLU A 151 7.64 -7.93 18.82
C GLU A 151 8.85 -8.16 19.72
N GLY A 152 9.39 -9.38 19.71
CA GLY A 152 10.51 -9.76 20.54
C GLY A 152 10.14 -10.42 21.86
N LEU A 153 8.88 -10.31 22.27
CA LEU A 153 8.45 -10.91 23.53
C LEU A 153 7.39 -11.96 23.25
N PRO A 154 7.24 -12.98 24.14
CA PRO A 154 7.99 -13.18 25.39
C PRO A 154 9.43 -13.64 25.17
N GLN A 155 10.25 -13.48 26.20
CA GLN A 155 11.65 -13.85 26.15
C GLN A 155 12.07 -14.16 27.58
N GLY A 156 13.18 -14.90 27.70
CA GLY A 156 13.79 -15.10 28.99
C GLY A 156 13.28 -16.33 29.70
N PRO A 157 13.72 -16.53 30.97
CA PRO A 157 13.39 -17.70 31.79
C PRO A 157 12.05 -17.57 32.54
N THR A 163 3.00 -22.81 27.77
CA THR A 163 1.90 -22.66 26.83
C THR A 163 2.38 -22.79 25.38
N VAL A 164 1.58 -23.47 24.55
CA VAL A 164 1.96 -23.81 23.20
C VAL A 164 1.00 -23.24 22.16
N GLN A 165 0.09 -22.35 22.57
CA GLN A 165 -0.92 -21.79 21.69
C GLN A 165 -0.60 -20.34 21.35
N LYS A 166 -1.05 -19.91 20.17
CA LYS A 166 -0.69 -18.59 19.64
C LYS A 166 -1.10 -17.46 20.57
N GLU A 167 -2.36 -17.48 21.03
CA GLU A 167 -2.86 -16.40 21.86
C GLU A 167 -2.17 -16.40 23.22
N GLY A 168 -1.75 -17.58 23.69
CA GLY A 168 -1.02 -17.65 24.94
C GLY A 168 0.31 -16.93 24.86
N MET A 169 1.12 -17.27 23.85
CA MET A 169 2.28 -16.47 23.46
C MET A 169 1.99 -14.98 23.48
N ARG A 170 0.99 -14.55 22.71
CA ARG A 170 0.73 -13.12 22.58
C ARG A 170 0.54 -12.48 23.95
N LYS A 171 -0.31 -13.08 24.79
CA LYS A 171 -0.56 -12.50 26.10
C LYS A 171 0.68 -12.51 26.98
N GLN A 172 1.47 -13.58 26.93
CA GLN A 172 2.70 -13.66 27.71
C GLN A 172 3.62 -12.50 27.37
N GLY A 173 3.84 -12.26 26.08
CA GLY A 173 4.67 -11.14 25.66
C GLY A 173 4.11 -9.80 26.10
N LEU A 174 2.79 -9.63 25.97
CA LEU A 174 2.17 -8.38 26.36
C LEU A 174 2.35 -8.14 27.85
N PHE A 175 2.21 -9.20 28.65
CA PHE A 175 2.37 -9.06 30.09
C PHE A 175 3.79 -8.63 30.44
N GLN A 176 4.80 -9.28 29.85
CA GLN A 176 6.19 -8.88 30.10
C GLN A 176 6.41 -7.41 29.73
N TRP A 177 5.89 -6.99 28.57
CA TRP A 177 6.02 -5.60 28.13
C TRP A 177 5.41 -4.66 29.15
N LEU A 178 4.17 -4.91 29.54
CA LEU A 178 3.49 -3.98 30.45
C LEU A 178 4.15 -3.97 31.81
N ASP A 179 4.56 -5.14 32.30
CA ASP A 179 5.21 -5.24 33.61
C ASP A 179 6.49 -4.44 33.67
N SER A 180 7.18 -4.25 32.53
CA SER A 180 8.39 -3.44 32.57
C SER A 180 8.21 -1.98 32.19
N LEU A 181 6.98 -1.52 31.94
CA LEU A 181 6.78 -0.13 31.52
C LEU A 181 6.95 0.86 32.65
N GLN A 182 7.57 2.00 32.35
CA GLN A 182 7.67 3.13 33.28
C GLN A 182 6.54 4.11 32.96
N ILE A 183 5.36 3.88 33.54
CA ILE A 183 4.20 4.73 33.27
C ILE A 183 4.30 6.10 33.93
N ASP A 184 5.32 6.32 34.77
CA ASP A 184 5.50 7.61 35.44
C ASP A 184 6.15 8.64 34.53
N ASN A 185 7.05 8.22 33.65
CA ASN A 185 7.76 9.14 32.76
C ASN A 185 6.91 9.38 31.52
N LEU A 186 6.44 10.62 31.35
CA LEU A 186 5.58 10.95 30.22
C LEU A 186 6.35 11.07 28.90
N THR A 187 7.67 11.16 28.95
CA THR A 187 8.48 11.22 27.73
C THR A 187 9.21 9.91 27.46
N SER A 188 8.82 8.82 28.12
CA SER A 188 9.35 7.51 27.79
C SER A 188 8.86 7.06 26.42
N PRO A 189 9.76 6.83 25.46
CA PRO A 189 9.31 6.36 24.14
C PRO A 189 8.52 5.06 24.17
N ASP A 190 8.90 4.09 25.01
CA ASP A 190 8.14 2.84 25.05
C ASP A 190 6.72 3.09 25.56
N LEU A 191 6.59 3.96 26.56
CA LEU A 191 5.26 4.35 27.01
C LEU A 191 4.45 4.97 25.89
N GLN A 192 5.07 5.89 25.15
CA GLN A 192 4.39 6.59 24.06
C GLN A 192 3.90 5.59 23.01
N LEU A 193 4.75 4.62 22.65
CA LEU A 193 4.32 3.56 21.71
C LEU A 193 3.15 2.77 22.26
N THR A 194 3.16 2.43 23.56
CA THR A 194 2.05 1.67 24.14
C THR A 194 0.73 2.42 24.04
N VAL A 195 0.77 3.72 24.38
CA VAL A 195 -0.45 4.53 24.26
C VAL A 195 -0.87 4.61 22.80
N GLY A 196 0.11 4.76 21.91
CA GLY A 196 -0.17 4.71 20.49
C GLY A 196 -0.92 3.45 20.10
N ALA A 197 -0.50 2.31 20.65
CA ALA A 197 -1.16 1.04 20.33
C ALA A 197 -2.58 1.00 20.87
N VAL A 198 -2.81 1.59 22.04
CA VAL A 198 -4.17 1.69 22.57
C VAL A 198 -5.07 2.45 21.60
N ILE A 199 -4.56 3.58 21.09
CA ILE A 199 -5.34 4.37 20.14
C ILE A 199 -5.59 3.59 18.87
N VAL A 200 -4.59 2.84 18.40
CA VAL A 200 -4.78 2.07 17.18
C VAL A 200 -5.79 0.95 17.38
N GLU A 201 -5.82 0.33 18.57
CA GLU A 201 -6.92 -0.60 18.86
C GLU A 201 -8.26 0.09 18.69
N GLU A 202 -8.38 1.31 19.19
CA GLU A 202 -9.66 2.03 19.08
C GLU A 202 -9.99 2.36 17.62
N MET A 203 -8.99 2.79 16.86
CA MET A 203 -9.18 3.09 15.44
C MET A 203 -9.60 1.84 14.68
N ARG A 204 -8.93 0.72 14.94
CA ARG A 204 -9.27 -0.52 14.24
C ARG A 204 -10.66 -1.00 14.61
N ALA A 205 -11.05 -0.83 15.88
CA ALA A 205 -12.42 -1.21 16.27
C ALA A 205 -13.45 -0.32 15.57
N ALA A 206 -13.17 0.97 15.44
CA ALA A 206 -14.11 1.85 14.74
C ALA A 206 -14.22 1.49 13.26
N ILE A 207 -13.10 1.20 12.62
CA ILE A 207 -13.17 0.77 11.21
C ILE A 207 -14.04 -0.48 11.11
N GLU A 208 -13.81 -1.46 11.98
CA GLU A 208 -14.59 -2.69 11.85
C GLU A 208 -16.07 -2.47 12.17
N ARG A 209 -16.36 -1.71 13.22
CA ARG A 209 -17.74 -1.42 13.58
C ARG A 209 -18.48 -0.71 12.45
N GLU A 210 -17.86 0.32 11.85
CA GLU A 210 -18.55 1.18 10.90
C GLU A 210 -18.46 0.71 9.44
N THR A 211 -17.60 -0.27 9.13
CA THR A 211 -17.54 -0.74 7.75
C THR A 211 -17.69 -2.24 7.60
N GLY A 212 -17.47 -3.01 8.65
CA GLY A 212 -17.36 -4.43 8.49
C GLY A 212 -15.96 -4.92 8.17
N PHE A 213 -15.02 -4.03 7.86
CA PHE A 213 -13.72 -4.46 7.36
C PHE A 213 -12.75 -4.62 8.51
N GLN A 214 -11.99 -5.72 8.50
CA GLN A 214 -10.90 -5.92 9.44
C GLN A 214 -9.57 -5.46 8.85
N CYS A 215 -8.63 -5.12 9.73
CA CYS A 215 -7.33 -4.65 9.26
C CYS A 215 -6.26 -5.05 10.26
N SER A 216 -5.02 -4.93 9.81
CA SER A 216 -3.85 -5.08 10.66
C SER A 216 -3.16 -3.72 10.77
N ALA A 217 -2.28 -3.58 11.75
CA ALA A 217 -1.55 -2.33 11.90
C ALA A 217 -0.19 -2.59 12.52
N GLY A 218 0.73 -1.67 12.27
CA GLY A 218 2.02 -1.63 12.97
C GLY A 218 2.16 -0.30 13.69
N ILE A 219 2.75 -0.33 14.88
CA ILE A 219 3.00 0.88 15.67
C ILE A 219 4.49 0.90 15.97
N SER A 220 5.18 1.96 15.55
CA SER A 220 6.59 2.13 15.88
C SER A 220 6.89 3.62 15.85
N HIS A 221 8.16 3.98 15.63
CA HIS A 221 8.60 5.36 15.66
C HIS A 221 8.76 5.98 14.27
N ASN A 222 8.55 5.24 13.19
CA ASN A 222 8.69 5.78 11.84
C ASN A 222 7.94 4.88 10.88
N LYS A 223 7.90 5.30 9.61
CA LYS A 223 7.06 4.62 8.62
C LYS A 223 7.59 3.23 8.28
N VAL A 224 8.90 3.10 8.09
CA VAL A 224 9.45 1.81 7.70
C VAL A 224 9.21 0.78 8.79
N LEU A 225 9.46 1.15 10.05
CA LEU A 225 9.26 0.18 11.13
C LEU A 225 7.77 -0.11 11.35
N ALA A 226 6.89 0.88 11.16
CA ALA A 226 5.46 0.62 11.31
C ALA A 226 4.96 -0.32 10.23
N LYS A 227 5.44 -0.16 8.99
CA LYS A 227 5.07 -1.06 7.90
C LYS A 227 5.57 -2.48 8.15
N LEU A 228 6.85 -2.60 8.52
CA LEU A 228 7.39 -3.92 8.82
C LEU A 228 6.63 -4.58 9.96
N ALA A 229 6.35 -3.81 11.02
CA ALA A 229 5.56 -4.28 12.15
C ALA A 229 4.20 -4.80 11.71
N CYS A 230 3.49 -4.02 10.88
CA CYS A 230 2.16 -4.42 10.42
C CYS A 230 2.20 -5.81 9.79
N GLY A 231 3.28 -6.10 9.05
CA GLY A 231 3.33 -7.41 8.39
C GLY A 231 3.62 -8.60 9.31
N LEU A 232 4.01 -8.37 10.56
CA LEU A 232 4.51 -9.48 11.38
C LEU A 232 3.39 -10.39 11.88
N ASN A 233 2.17 -9.86 11.98
CA ASN A 233 1.06 -10.61 12.58
C ASN A 233 -0.21 -10.18 11.85
N LYS A 234 -0.53 -10.89 10.78
CA LYS A 234 -1.70 -10.70 9.97
C LYS A 234 -2.47 -12.00 9.94
N PRO A 235 -3.78 -11.98 9.73
CA PRO A 235 -4.67 -10.82 9.62
C PRO A 235 -5.25 -10.39 10.97
N ASN A 236 -5.95 -9.24 11.00
CA ASN A 236 -6.75 -8.84 12.17
C ASN A 236 -5.93 -8.72 13.46
N ARG A 237 -4.66 -8.31 13.38
CA ARG A 237 -3.84 -8.11 14.58
C ARG A 237 -2.99 -6.88 14.37
N GLN A 238 -2.40 -6.37 15.46
CA GLN A 238 -1.49 -5.23 15.35
C GLN A 238 -0.24 -5.53 16.15
N THR A 239 0.87 -4.93 15.74
CA THR A 239 2.17 -5.26 16.32
C THR A 239 2.90 -3.97 16.67
N LEU A 240 3.48 -3.92 17.88
CA LEU A 240 4.30 -2.81 18.33
C LEU A 240 5.76 -3.23 18.22
N VAL A 241 6.55 -2.43 17.51
CA VAL A 241 7.97 -2.68 17.35
C VAL A 241 8.68 -1.54 18.02
N SER A 242 9.32 -1.81 19.16
CA SER A 242 9.97 -0.75 19.89
C SER A 242 11.36 -0.50 19.32
N HIS A 243 11.93 0.65 19.67
CA HIS A 243 13.31 0.90 19.28
C HIS A 243 14.22 -0.24 19.77
N GLY A 244 14.01 -0.67 21.02
CA GLY A 244 14.87 -1.72 21.59
C GLY A 244 14.77 -3.04 20.88
N SER A 245 13.65 -3.31 20.22
CA SER A 245 13.51 -4.58 19.54
C SER A 245 14.29 -4.63 18.24
N VAL A 246 14.84 -3.51 17.76
CA VAL A 246 15.37 -3.47 16.39
C VAL A 246 16.61 -4.34 16.18
N PRO A 247 17.63 -4.31 17.05
CA PRO A 247 18.81 -5.16 16.80
C PRO A 247 18.50 -6.63 16.55
N GLN A 248 17.68 -7.26 17.40
CA GLN A 248 17.36 -8.66 17.19
C GLN A 248 16.49 -8.86 15.95
N LEU A 249 15.45 -8.01 15.83
CA LEU A 249 14.58 -8.11 14.65
C LEU A 249 15.36 -8.02 13.35
N PHE A 250 16.26 -7.04 13.25
CA PHE A 250 17.01 -6.86 12.00
C PHE A 250 18.12 -7.88 11.81
N SER A 251 18.50 -8.61 12.87
CA SER A 251 19.68 -9.46 12.77
C SER A 251 19.45 -10.62 11.81
N GLN A 252 18.19 -11.00 11.58
CA GLN A 252 17.88 -12.04 10.60
C GLN A 252 16.83 -11.55 9.60
N MET A 253 16.72 -10.24 9.41
CA MET A 253 15.67 -9.69 8.54
C MET A 253 16.27 -9.54 7.16
N PRO A 254 15.80 -10.26 6.15
CA PRO A 254 16.36 -10.07 4.81
C PRO A 254 16.18 -8.62 4.36
N ILE A 255 17.22 -8.09 3.72
CA ILE A 255 17.20 -6.68 3.33
C ILE A 255 15.98 -6.34 2.48
N ARG A 256 15.55 -7.28 1.62
CA ARG A 256 14.45 -6.97 0.70
C ARG A 256 13.12 -6.73 1.41
N LYS A 257 13.03 -7.02 2.70
CA LYS A 257 11.73 -6.84 3.36
C LYS A 257 11.47 -5.40 3.76
N ILE A 258 12.49 -4.54 3.75
CA ILE A 258 12.35 -3.15 4.16
C ILE A 258 11.85 -2.35 2.96
N ARG A 259 10.82 -1.53 3.17
CA ARG A 259 10.24 -0.78 2.05
C ARG A 259 11.31 0.10 1.39
N SER A 260 11.38 0.03 0.06
CA SER A 260 12.31 0.68 -0.86
C SER A 260 13.55 -0.18 -1.17
N LEU A 261 13.78 -1.25 -0.42
CA LEU A 261 14.90 -2.16 -0.69
C LEU A 261 14.45 -3.45 -1.38
N GLY A 262 13.19 -3.54 -1.80
CA GLY A 262 12.66 -4.75 -2.40
C GLY A 262 13.04 -4.98 -3.86
N GLY A 263 13.73 -4.02 -4.47
CA GLY A 263 14.07 -4.10 -5.88
C GLY A 263 15.54 -4.03 -6.19
N LYS A 264 15.89 -3.25 -7.23
CA LYS A 264 17.27 -3.24 -7.72
C LYS A 264 18.26 -2.70 -6.68
N LEU A 265 17.89 -1.62 -5.98
CA LEU A 265 18.80 -1.05 -4.99
C LEU A 265 19.13 -2.07 -3.91
N GLY A 266 18.11 -2.70 -3.36
CA GLY A 266 18.35 -3.72 -2.34
C GLY A 266 19.19 -4.88 -2.84
N ALA A 267 18.94 -5.32 -4.08
CA ALA A 267 19.77 -6.35 -4.68
C ALA A 267 21.22 -5.89 -4.74
N SER A 268 21.45 -4.59 -5.02
CA SER A 268 22.83 -4.12 -5.10
C SER A 268 23.46 -4.00 -3.72
N VAL A 269 22.67 -3.66 -2.70
CA VAL A 269 23.20 -3.66 -1.33
C VAL A 269 23.73 -5.04 -0.97
N ILE A 270 22.91 -6.06 -1.26
CA ILE A 270 23.30 -7.45 -1.01
C ILE A 270 24.57 -7.80 -1.79
N GLU A 271 24.62 -7.47 -3.09
CA GLU A 271 25.72 -7.96 -3.92
C GLU A 271 27.01 -7.21 -3.65
N ILE A 272 26.94 -5.89 -3.51
CA ILE A 272 28.14 -5.09 -3.37
C ILE A 272 28.76 -5.31 -2.00
N LEU A 273 27.93 -5.44 -0.95
CA LEU A 273 28.47 -5.52 0.38
C LEU A 273 28.64 -6.95 0.88
N GLY A 274 28.09 -7.94 0.19
CA GLY A 274 28.22 -9.32 0.59
C GLY A 274 27.48 -9.64 1.88
N ILE A 275 26.29 -9.08 2.06
CA ILE A 275 25.51 -9.28 3.28
C ILE A 275 24.12 -9.78 2.89
N GLU A 276 23.34 -10.16 3.90
CA GLU A 276 21.99 -10.69 3.67
C GLU A 276 20.93 -9.96 4.49
N TYR A 277 21.29 -9.53 5.70
CA TYR A 277 20.31 -9.06 6.68
C TYR A 277 20.50 -7.58 6.98
N MET A 278 19.39 -6.92 7.29
CA MET A 278 19.40 -5.48 7.57
C MET A 278 20.44 -5.10 8.62
N GLY A 279 20.54 -5.91 9.68
CA GLY A 279 21.41 -5.53 10.79
C GLY A 279 22.87 -5.47 10.38
N GLU A 280 23.26 -6.29 9.39
CA GLU A 280 24.65 -6.29 8.95
C GLU A 280 25.07 -4.93 8.40
N LEU A 281 24.10 -4.09 8.03
CA LEU A 281 24.47 -2.76 7.56
C LEU A 281 25.16 -1.93 8.63
N THR A 282 24.99 -2.25 9.92
CA THR A 282 25.58 -1.38 10.95
C THR A 282 27.10 -1.37 10.87
N GLN A 283 27.71 -2.34 10.18
CA GLN A 283 29.16 -2.39 10.25
C GLN A 283 29.86 -1.49 9.22
N PHE A 284 29.11 -0.67 8.48
CA PHE A 284 29.68 0.22 7.48
C PHE A 284 29.55 1.66 7.95
N THR A 285 30.53 2.50 7.62
CA THR A 285 30.39 3.90 7.98
C THR A 285 29.37 4.56 7.04
N GLU A 286 28.86 5.72 7.48
CA GLU A 286 27.95 6.45 6.61
C GLU A 286 28.62 6.81 5.30
N SER A 287 29.91 7.19 5.34
CA SER A 287 30.58 7.58 4.09
C SER A 287 30.74 6.37 3.16
N GLN A 288 30.97 5.18 3.72
CA GLN A 288 31.04 3.98 2.90
C GLN A 288 29.72 3.75 2.17
N LEU A 289 28.61 3.85 2.92
CA LEU A 289 27.32 3.59 2.28
C LEU A 289 27.00 4.66 1.25
N GLN A 290 27.39 5.89 1.51
CA GLN A 290 27.17 6.94 0.52
C GLN A 290 28.02 6.68 -0.72
N SER A 291 29.22 6.15 -0.53
CA SER A 291 30.10 5.85 -1.66
CA SER A 291 30.09 5.88 -1.68
C SER A 291 29.50 4.79 -2.57
N HIS A 292 28.80 3.83 -1.99
CA HIS A 292 28.23 2.77 -2.82
C HIS A 292 26.89 3.16 -3.41
N PHE A 293 26.02 3.81 -2.63
CA PHE A 293 24.62 3.92 -3.02
C PHE A 293 24.16 5.36 -3.20
N GLY A 294 25.07 6.33 -3.13
CA GLY A 294 24.71 7.71 -3.26
C GLY A 294 24.50 8.38 -1.91
N GLU A 295 24.58 9.71 -1.91
CA GLU A 295 24.52 10.45 -0.66
C GLU A 295 23.19 10.22 0.06
N LYS A 296 22.08 10.37 -0.66
CA LYS A 296 20.76 10.22 -0.06
C LYS A 296 20.56 8.79 0.46
N ASN A 297 20.70 7.81 -0.43
CA ASN A 297 20.51 6.42 -0.04
C ASN A 297 21.49 5.99 1.06
N GLY A 298 22.73 6.44 0.99
CA GLY A 298 23.69 6.03 2.01
C GLY A 298 23.34 6.55 3.40
N SER A 299 22.95 7.83 3.49
CA SER A 299 22.54 8.36 4.78
C SER A 299 21.28 7.65 5.27
N TRP A 300 20.35 7.40 4.35
CA TRP A 300 19.11 6.72 4.73
C TRP A 300 19.41 5.31 5.26
N LEU A 301 20.27 4.56 4.58
CA LEU A 301 20.62 3.20 5.03
C LEU A 301 21.34 3.22 6.36
N TYR A 302 22.25 4.18 6.54
CA TYR A 302 23.00 4.25 7.79
C TYR A 302 22.07 4.43 8.98
N ALA A 303 21.11 5.35 8.85
CA ALA A 303 20.12 5.55 9.90
C ALA A 303 19.14 4.37 9.98
N MET A 304 18.70 3.85 8.82
CA MET A 304 17.56 2.93 8.84
C MET A 304 17.96 1.62 9.48
N CYS A 305 19.23 1.19 9.28
CA CYS A 305 19.64 -0.11 9.85
C CYS A 305 19.79 -0.04 11.37
N ARG A 306 19.77 1.15 11.94
CA ARG A 306 19.71 1.40 13.38
C ARG A 306 18.29 1.68 13.87
N GLY A 307 17.29 1.53 13.00
CA GLY A 307 15.91 1.79 13.37
C GLY A 307 15.48 3.23 13.27
N ILE A 308 16.26 4.06 12.58
CA ILE A 308 16.04 5.50 12.55
C ILE A 308 15.66 5.92 11.15
N GLU A 309 14.57 6.68 11.04
CA GLU A 309 14.11 7.17 9.74
C GLU A 309 13.26 8.41 9.95
N HIS A 310 13.35 9.37 9.03
CA HIS A 310 12.76 10.68 9.26
C HIS A 310 11.66 11.06 8.29
N ASP A 311 11.34 10.22 7.31
CA ASP A 311 10.25 10.49 6.37
C ASP A 311 8.98 10.87 7.12
N PRO A 312 8.45 12.08 6.92
CA PRO A 312 7.29 12.48 7.69
C PRO A 312 6.03 11.84 7.12
N VAL A 313 5.05 11.66 8.00
CA VAL A 313 3.69 11.32 7.59
C VAL A 313 3.14 12.55 6.88
N LYS A 314 2.96 12.48 5.56
CA LYS A 314 2.52 13.67 4.82
C LYS A 314 1.01 13.84 4.95
N PRO A 315 0.53 15.04 5.23
CA PRO A 315 -0.93 15.24 5.33
C PRO A 315 -1.58 15.17 3.96
N ARG A 316 -2.00 13.99 3.51
CA ARG A 316 -2.62 13.84 2.19
C ARG A 316 -3.60 12.67 2.22
N GLN A 317 -4.89 12.98 2.13
CA GLN A 317 -5.94 11.98 2.20
C GLN A 317 -6.47 11.54 0.85
N LEU A 318 -6.23 12.34 -0.18
CA LEU A 318 -6.73 12.08 -1.53
C LEU A 318 -5.60 11.70 -2.47
N PRO A 319 -5.86 10.84 -3.46
CA PRO A 319 -4.86 10.57 -4.49
C PRO A 319 -4.51 11.85 -5.25
N LYS A 320 -3.26 11.91 -5.72
CA LYS A 320 -2.69 13.02 -6.47
C LYS A 320 -2.94 12.93 -7.97
N THR A 321 -3.28 11.74 -8.46
CA THR A 321 -3.53 11.50 -9.87
C THR A 321 -4.77 10.63 -10.00
N ILE A 322 -5.41 10.72 -11.16
CA ILE A 322 -6.57 9.90 -11.45
C ILE A 322 -6.32 9.31 -12.84
N GLY A 323 -6.08 8.00 -12.91
CA GLY A 323 -5.63 7.39 -14.14
C GLY A 323 -6.49 6.22 -14.56
N CYS A 324 -6.39 5.91 -15.85
CA CYS A 324 -7.21 4.91 -16.55
C CYS A 324 -6.28 4.19 -17.50
N SER A 325 -6.18 2.87 -17.41
CA SER A 325 -5.20 2.17 -18.22
C SER A 325 -5.77 0.84 -18.69
N LYS A 326 -5.39 0.45 -19.90
CA LYS A 326 -5.73 -0.88 -20.38
C LYS A 326 -4.61 -1.45 -21.25
N ASN A 327 -4.29 -2.72 -21.01
CA ASN A 327 -3.36 -3.52 -21.78
C ASN A 327 -4.09 -4.24 -22.91
N PHE A 328 -3.38 -4.46 -24.02
CA PHE A 328 -3.91 -5.16 -25.18
C PHE A 328 -2.88 -6.22 -25.54
N PRO A 329 -2.85 -7.33 -24.83
CA PRO A 329 -1.73 -8.26 -24.94
C PRO A 329 -1.83 -9.18 -26.14
N GLY A 330 -0.64 -9.66 -26.54
CA GLY A 330 -0.47 -10.61 -27.60
C GLY A 330 -1.24 -10.28 -28.86
N LYS A 331 -2.22 -11.13 -29.16
CA LYS A 331 -2.96 -11.04 -30.41
C LYS A 331 -3.93 -9.87 -30.44
N THR A 332 -4.27 -9.28 -29.29
CA THR A 332 -5.29 -8.24 -29.26
C THR A 332 -4.73 -6.84 -29.43
N ALA A 333 -3.42 -6.69 -29.69
CA ALA A 333 -2.82 -5.37 -29.81
C ALA A 333 -3.47 -4.57 -30.93
N LEU A 334 -3.59 -3.26 -30.71
CA LEU A 334 -4.37 -2.39 -31.61
C LEU A 334 -3.56 -2.11 -32.87
N ALA A 335 -4.09 -2.52 -34.02
CA ALA A 335 -3.38 -2.40 -35.29
C ALA A 335 -4.05 -1.45 -36.27
N THR A 336 -5.17 -0.84 -35.91
CA THR A 336 -5.84 0.12 -36.76
C THR A 336 -6.06 1.43 -36.01
N ARG A 337 -6.04 2.53 -36.77
CA ARG A 337 -6.34 3.84 -36.20
C ARG A 337 -7.71 3.87 -35.53
N GLU A 338 -8.69 3.21 -36.15
CA GLU A 338 -10.04 3.16 -35.59
C GLU A 338 -10.02 2.53 -34.20
N GLN A 339 -9.28 1.43 -34.06
CA GLN A 339 -9.16 0.74 -32.78
C GLN A 339 -8.55 1.65 -31.73
N VAL A 340 -7.42 2.29 -32.07
CA VAL A 340 -6.73 3.16 -31.13
C VAL A 340 -7.65 4.28 -30.67
N GLN A 341 -8.41 4.84 -31.61
CA GLN A 341 -9.29 5.96 -31.32
C GLN A 341 -10.46 5.52 -30.45
N TRP A 342 -11.01 4.33 -30.71
CA TRP A 342 -12.15 3.85 -29.92
C TRP A 342 -11.73 3.55 -28.49
N TRP A 343 -10.57 2.94 -28.29
CA TRP A 343 -10.15 2.64 -26.92
C TRP A 343 -9.73 3.91 -26.18
N LEU A 344 -9.07 4.86 -26.85
CA LEU A 344 -8.82 6.12 -26.18
C LEU A 344 -10.12 6.74 -25.73
N LEU A 345 -11.17 6.66 -26.55
CA LEU A 345 -12.44 7.20 -26.10
C LEU A 345 -13.01 6.44 -24.91
N GLN A 346 -12.85 5.12 -24.88
CA GLN A 346 -13.37 4.34 -23.76
C GLN A 346 -12.71 4.78 -22.45
N LEU A 347 -11.38 4.83 -22.46
CA LEU A 347 -10.61 5.29 -21.30
C LEU A 347 -11.00 6.70 -20.92
N ALA A 348 -11.12 7.59 -21.90
CA ALA A 348 -11.44 8.98 -21.63
C ALA A 348 -12.83 9.14 -21.04
N GLN A 349 -13.78 8.26 -21.41
CA GLN A 349 -15.10 8.36 -20.81
C GLN A 349 -15.06 7.94 -19.35
N GLU A 350 -14.32 6.89 -19.04
CA GLU A 350 -14.21 6.53 -17.62
C GLU A 350 -13.51 7.64 -16.84
N LEU A 351 -12.47 8.22 -17.42
CA LEU A 351 -11.73 9.28 -16.75
C LEU A 351 -12.60 10.50 -16.53
N GLU A 352 -13.37 10.91 -17.54
CA GLU A 352 -14.29 12.04 -17.38
C GLU A 352 -15.25 11.80 -16.22
N GLU A 353 -15.80 10.59 -16.15
CA GLU A 353 -16.71 10.25 -15.06
C GLU A 353 -16.04 10.42 -13.69
N ARG A 354 -14.85 9.85 -13.55
CA ARG A 354 -14.15 9.94 -12.27
C ARG A 354 -13.74 11.37 -11.95
N LEU A 355 -13.31 12.14 -12.96
CA LEU A 355 -12.90 13.52 -12.74
C LEU A 355 -14.06 14.38 -12.31
N THR A 356 -15.23 14.23 -12.94
CA THR A 356 -16.38 15.03 -12.55
C THR A 356 -16.79 14.71 -11.11
N LYS A 357 -16.83 13.43 -10.76
CA LYS A 357 -17.10 13.07 -9.37
C LYS A 357 -16.08 13.69 -8.43
N ASP A 358 -14.79 13.62 -8.81
CA ASP A 358 -13.74 14.17 -7.96
C ASP A 358 -13.89 15.66 -7.77
N ARG A 359 -14.27 16.38 -8.83
CA ARG A 359 -14.40 17.83 -8.74
C ARG A 359 -15.57 18.23 -7.86
N ASN A 360 -16.69 17.50 -7.92
CA ASN A 360 -17.81 17.79 -7.04
C ASN A 360 -17.49 17.47 -5.58
N ASP A 361 -16.81 16.34 -5.35
CA ASP A 361 -16.51 15.90 -4.00
C ASP A 361 -15.39 16.70 -3.33
N ASN A 362 -14.36 17.09 -4.07
CA ASN A 362 -13.10 17.49 -3.46
C ASN A 362 -12.65 18.90 -3.80
N ASP A 363 -13.44 19.67 -4.55
CA ASP A 363 -13.13 21.09 -4.81
C ASP A 363 -11.77 21.26 -5.47
N ARG A 364 -11.56 20.53 -6.56
CA ARG A 364 -10.31 20.67 -7.29
C ARG A 364 -10.55 20.25 -8.73
N VAL A 365 -9.63 20.66 -9.59
CA VAL A 365 -9.70 20.39 -11.01
C VAL A 365 -8.30 20.03 -11.49
N ALA A 366 -8.20 18.98 -12.29
CA ALA A 366 -6.93 18.62 -12.92
C ALA A 366 -6.63 19.54 -14.11
N THR A 367 -5.34 19.82 -14.33
CA THR A 367 -4.92 20.76 -15.35
C THR A 367 -4.00 20.16 -16.39
N GLN A 368 -3.58 18.92 -16.22
CA GLN A 368 -2.68 18.27 -17.15
C GLN A 368 -3.20 16.87 -17.43
N LEU A 369 -3.06 16.45 -18.68
CA LEU A 369 -3.45 15.13 -19.14
C LEU A 369 -2.18 14.44 -19.63
N VAL A 370 -1.81 13.34 -18.98
CA VAL A 370 -0.67 12.54 -19.39
C VAL A 370 -1.17 11.35 -20.19
N VAL A 371 -0.57 11.12 -21.36
CA VAL A 371 -0.95 10.03 -22.25
C VAL A 371 0.28 9.16 -22.43
N SER A 372 0.13 7.87 -22.20
CA SER A 372 1.26 6.96 -22.28
C SER A 372 0.85 5.70 -23.01
N ILE A 373 1.75 5.22 -23.85
CA ILE A 373 1.47 4.04 -24.65
C ILE A 373 2.67 3.10 -24.61
N ARG A 374 2.40 1.85 -24.97
CA ARG A 374 3.43 0.85 -25.20
C ARG A 374 3.23 0.30 -26.60
N VAL A 375 4.32 0.08 -27.32
CA VAL A 375 4.29 -0.54 -28.64
C VAL A 375 4.81 -1.96 -28.52
N GLN A 376 4.32 -2.81 -29.41
CA GLN A 376 4.67 -4.23 -29.37
C GLN A 376 6.16 -4.40 -29.63
N GLY A 377 6.87 -5.05 -28.70
CA GLY A 377 8.29 -5.26 -28.84
C GLY A 377 9.12 -4.76 -27.66
N ASP A 378 8.65 -3.71 -27.01
CA ASP A 378 9.42 -3.09 -25.94
C ASP A 378 9.24 -3.86 -24.64
N LYS A 379 10.36 -4.14 -23.96
CA LYS A 379 10.27 -4.76 -22.65
C LYS A 379 9.83 -3.76 -21.59
N ARG A 380 10.08 -2.47 -21.82
CA ARG A 380 9.64 -1.44 -20.88
C ARG A 380 8.13 -1.35 -20.84
N LEU A 381 7.59 -1.17 -19.62
CA LEU A 381 6.15 -1.07 -19.46
C LEU A 381 5.56 0.11 -20.22
N SER A 382 6.30 1.21 -20.34
CA SER A 382 5.85 2.38 -21.07
C SER A 382 6.83 2.68 -22.18
N SER A 383 6.31 2.89 -23.39
CA SER A 383 7.14 3.22 -24.53
C SER A 383 7.13 4.71 -24.88
N LEU A 384 6.10 5.45 -24.49
CA LEU A 384 6.13 6.87 -24.76
C LEU A 384 5.11 7.58 -23.87
N ARG A 385 5.52 8.73 -23.32
CA ARG A 385 4.68 9.50 -22.39
C ARG A 385 4.76 10.96 -22.80
N ARG A 386 3.59 11.53 -23.07
CA ARG A 386 3.50 12.93 -23.48
C ARG A 386 2.35 13.58 -22.72
N CYS A 387 2.50 14.87 -22.42
CA CYS A 387 1.46 15.59 -21.71
C CYS A 387 0.83 16.65 -22.60
N CYS A 388 -0.40 17.02 -22.26
CA CYS A 388 -1.06 18.14 -22.90
C CYS A 388 -1.96 18.81 -21.87
N ALA A 389 -2.48 19.97 -22.23
CA ALA A 389 -3.32 20.70 -21.31
C ALA A 389 -4.66 19.99 -21.14
N LEU A 390 -5.11 19.90 -19.90
CA LEU A 390 -6.46 19.40 -19.60
C LEU A 390 -7.30 20.60 -19.20
N THR A 391 -8.04 21.14 -20.17
CA THR A 391 -8.78 22.37 -19.97
C THR A 391 -10.28 22.17 -19.80
N ARG A 392 -10.82 21.02 -20.21
CA ARG A 392 -12.23 20.73 -20.11
C ARG A 392 -12.41 19.26 -19.76
N TYR A 393 -13.30 18.97 -18.82
CA TYR A 393 -13.68 17.60 -18.48
C TYR A 393 -14.64 17.10 -19.55
N ASP A 394 -14.08 16.72 -20.70
CA ASP A 394 -14.89 16.25 -21.83
C ASP A 394 -14.18 15.09 -22.48
N ALA A 395 -14.84 13.92 -22.49
CA ALA A 395 -14.17 12.70 -22.93
C ALA A 395 -13.76 12.77 -24.39
N HIS A 396 -14.62 13.32 -25.25
CA HIS A 396 -14.26 13.37 -26.66
C HIS A 396 -13.06 14.27 -26.89
N LYS A 397 -13.00 15.41 -26.19
CA LYS A 397 -11.82 16.27 -26.29
C LYS A 397 -10.57 15.59 -25.74
N MET A 398 -10.68 14.92 -24.59
CA MET A 398 -9.50 14.28 -24.02
C MET A 398 -8.98 13.19 -24.93
N SER A 399 -9.89 12.40 -25.53
CA SER A 399 -9.44 11.33 -26.41
C SER A 399 -8.85 11.89 -27.71
N HIS A 400 -9.42 12.99 -28.21
CA HIS A 400 -8.84 13.60 -29.41
C HIS A 400 -7.45 14.18 -29.12
N ASP A 401 -7.27 14.84 -27.98
CA ASP A 401 -5.95 15.37 -27.61
C ASP A 401 -4.92 14.26 -27.39
N ALA A 402 -5.33 13.18 -26.71
CA ALA A 402 -4.44 12.03 -26.55
C ALA A 402 -4.00 11.51 -27.90
N PHE A 403 -4.94 11.39 -28.85
CA PHE A 403 -4.58 10.93 -30.18
C PHE A 403 -3.59 11.89 -30.83
N THR A 404 -3.85 13.19 -30.73
CA THR A 404 -2.95 14.16 -31.34
C THR A 404 -1.54 14.03 -30.78
N VAL A 405 -1.40 13.80 -29.47
CA VAL A 405 -0.04 13.77 -28.93
C VAL A 405 0.66 12.45 -29.20
N ILE A 406 -0.07 11.36 -29.50
CA ILE A 406 0.61 10.09 -29.81
C ILE A 406 0.65 9.72 -31.29
N LYS A 407 -0.09 10.42 -32.15
CA LYS A 407 -0.33 9.91 -33.49
C LYS A 407 0.95 9.83 -34.33
N ASN A 408 1.95 10.65 -34.02
CA ASN A 408 3.18 10.54 -34.81
C ASN A 408 4.00 9.31 -34.43
N CYS A 409 3.55 8.50 -33.47
CA CYS A 409 4.22 7.24 -33.19
C CYS A 409 3.93 6.19 -34.26
N ASN A 410 2.92 6.41 -35.10
CA ASN A 410 2.52 5.43 -36.09
C ASN A 410 3.60 5.28 -37.16
N THR A 411 4.32 4.15 -37.11
CA THR A 411 5.32 3.84 -38.13
C THR A 411 4.68 3.65 -39.50
N SER A 412 3.42 3.20 -39.55
CA SER A 412 2.78 2.80 -40.79
C SER A 412 2.80 3.92 -41.82
N GLY A 413 3.08 3.56 -43.07
CA GLY A 413 2.90 4.49 -44.17
C GLY A 413 1.45 4.58 -44.62
N ILE A 414 0.70 3.49 -44.46
CA ILE A 414 -0.74 3.56 -44.67
C ILE A 414 -1.37 4.38 -43.56
N GLN A 415 -2.36 5.20 -43.91
CA GLN A 415 -2.99 6.07 -42.92
C GLN A 415 -3.85 5.27 -41.95
N THR A 416 -4.54 4.26 -42.44
CA THR A 416 -5.54 3.55 -41.63
C THR A 416 -4.90 2.57 -40.65
N GLU A 417 -3.70 2.07 -40.94
CA GLU A 417 -3.09 1.08 -40.09
C GLU A 417 -2.28 1.73 -38.98
N TRP A 418 -2.05 0.96 -37.92
CA TRP A 418 -1.18 1.39 -36.83
C TRP A 418 -0.07 0.36 -36.66
N SER A 419 1.17 0.80 -36.89
CA SER A 419 2.30 -0.07 -36.64
C SER A 419 3.38 0.73 -35.91
N PRO A 420 4.11 0.09 -34.97
CA PRO A 420 3.76 -1.26 -34.50
C PRO A 420 2.48 -1.19 -33.66
N PRO A 421 1.73 -2.28 -33.57
CA PRO A 421 0.47 -2.24 -32.80
C PRO A 421 0.74 -1.83 -31.36
N LEU A 422 -0.31 -1.28 -30.73
CA LEU A 422 -0.22 -0.77 -29.37
C LEU A 422 -0.66 -1.85 -28.38
N THR A 423 0.19 -2.10 -27.38
CA THR A 423 -0.11 -3.11 -26.36
C THR A 423 -0.58 -2.51 -25.04
N MET A 424 -0.68 -1.18 -24.96
CA MET A 424 -1.04 -0.51 -23.71
C MET A 424 -1.43 0.94 -24.01
N LEU A 425 -2.52 1.38 -23.42
CA LEU A 425 -2.97 2.77 -23.45
C LEU A 425 -3.17 3.24 -22.02
N PHE A 426 -2.81 4.49 -21.74
CA PHE A 426 -2.86 5.05 -20.38
C PHE A 426 -3.21 6.53 -20.46
N LEU A 427 -4.28 6.94 -19.77
CA LEU A 427 -4.62 8.35 -19.64
C LEU A 427 -4.61 8.71 -18.17
N CYS A 428 -3.94 9.80 -17.81
CA CYS A 428 -3.80 10.16 -16.39
C CYS A 428 -3.98 11.66 -16.21
N ALA A 429 -4.92 12.04 -15.33
CA ALA A 429 -5.13 13.42 -14.96
C ALA A 429 -4.30 13.76 -13.73
N THR A 430 -3.56 14.87 -13.81
CA THR A 430 -2.58 15.26 -12.80
C THR A 430 -2.63 16.79 -12.59
N LYS A 431 -1.76 17.28 -11.72
CA LYS A 431 -1.57 18.72 -11.48
C LYS A 431 -2.89 19.40 -11.13
N PHE A 432 -3.40 19.02 -9.97
CA PHE A 432 -4.67 19.55 -9.49
C PHE A 432 -4.50 20.95 -8.92
N SER A 433 -5.54 21.75 -9.10
CA SER A 433 -5.65 23.11 -8.59
C SER A 433 -6.98 23.23 -7.86
N ALA A 434 -7.01 24.01 -6.79
CA ALA A 434 -8.25 24.17 -6.05
C ALA A 434 -9.30 24.84 -6.94
N SER A 435 -10.56 24.51 -6.70
CA SER A 435 -11.65 25.19 -7.37
C SER A 435 -12.88 25.21 -6.49
C1 GOL D . 23.09 -7.80 14.01
O1 GOL D . 23.32 -7.56 12.68
C2 GOL D . 22.07 -6.70 14.54
O2 GOL D . 20.92 -6.68 13.79
C3 GOL D . 22.81 -5.33 14.48
O3 GOL D . 22.03 -4.44 15.31
C1 GOL E . -19.47 2.49 -0.69
O1 GOL E . -18.12 2.37 -0.34
C2 GOL E . -20.03 3.75 0.03
O2 GOL E . -19.67 4.93 -0.61
C3 GOL E . -21.58 3.55 0.09
O3 GOL E . -22.07 4.53 0.96
C1 GOL F . -27.82 -11.53 -3.72
O1 GOL F . -27.38 -10.94 -4.93
C2 GOL F . -26.66 -12.42 -3.19
O2 GOL F . -25.42 -11.83 -3.37
C3 GOL F . -26.98 -12.66 -1.69
O3 GOL F . -25.86 -13.27 -1.09
C6 HF4 G . -2.59 -5.11 -4.59
N4 HF4 G . -0.37 -6.29 -7.17
C5 HF4 G . -1.46 -5.55 -5.19
C2 HF4 G . -3.72 -5.24 -6.69
O3G HF4 G . -2.73 -7.07 2.94
PG HF4 G . -3.08 -8.51 2.75
O1G HF4 G . -3.99 -9.00 3.83
O2G HF4 G . -1.85 -9.35 2.72
O3B HF4 G . -3.91 -8.69 1.31
PB HF4 G . -4.25 -7.50 0.32
O1B HF4 G . -5.22 -8.02 -0.68
O2B HF4 G . -4.86 -6.37 1.06
O3A HF4 G . -2.90 -7.09 -0.40
PA HF4 G . -2.31 -5.65 -0.57
O1A HF4 G . -0.90 -5.75 -1.09
O2A HF4 G . -2.31 -4.97 0.75
O5' HF4 G . -3.19 -4.78 -1.65
C5' HF4 G . -4.42 -4.24 -1.26
C4' HF4 G . -5.34 -4.29 -2.41
C3' HF4 G . -5.60 -5.74 -2.76
O3' HF4 G . -6.75 -6.25 -2.04
C2' HF4 G . -5.92 -5.63 -4.27
O2' HF4 G . -5.58 -6.84 -4.94
O4' HF4 G . -4.69 -3.69 -3.57
C1' HF4 G . -4.98 -4.45 -4.73
N1 HF4 G . -3.74 -4.95 -5.33
C4 HF4 G . -1.47 -5.86 -6.57
N3 HF4 G . -2.59 -5.70 -7.28
O2 HF4 G . -4.73 -5.11 -7.36
CA CA H . -3.79 -5.02 2.63
K K I . -1.69 -2.73 1.28
#